data_3MIP
#
_entry.id   3MIP
#
_cell.length_a   42.539
_cell.length_b   42.611
_cell.length_c   71.524
_cell.angle_alpha   96.45
_cell.angle_beta   107.04
_cell.angle_gamma   108.56
#
_symmetry.space_group_name_H-M   'P 1'
#
loop_
_entity.id
_entity.type
_entity.pdbx_description
1 polymer Mso-8G
2 polymer "DNA (5'-D(*GP*CP*AP*GP*GP*CP*GP*GP*TP*CP*GP*TP*GP*AP*GP*AP*CP*CP*GP*CP*TP*CP*CP*G)-3')"
3 polymer "DNA (5'-D(*CP*GP*GP*AP*GP*CP*GP*GP*TP*CP*TP*CP*AP*CP*GP*AP*CP*CP*GP*CP*CP*TP*GP*C)-3')"
4 non-polymer 'CALCIUM ION'
5 water water
#
loop_
_entity_poly.entity_id
_entity_poly.type
_entity_poly.pdbx_seq_one_letter_code
_entity_poly.pdbx_strand_id
1 'polypeptide(L)'
;TLQPTEAAYIAGFLDGDGSIYARLEPRPDYKDIKYQVRLAISFIQRKDKFPYLQDIYDQLGKRGILRKDRGDGIADYRIY
GSTHLSIILPDLVPYLRIKKKQANRILHIINLYPQAQKNPSKFLDLVKIVDDVQNLNKRADELKSTNYDRLLEEFLKAGK
I
;
A,B
2 'polydeoxyribonucleotide'
;(DG)(DC)(DA)(DG)(DG)(DC)(DG)(DG)(DT)(DC)(DG)(DT)(DG)(DA)(DG)(DA)(DC)(DC)(DG)(DC)
(DT)(DC)(DC)(DG)
;
C
3 'polydeoxyribonucleotide'
;(DC)(DG)(DG)(DA)(DG)(DC)(DG)(DG)(DT)(DC)(DT)(DC)(DA)(DC)(DG)(DA)(DC)(DC)(DG)(DC)
(DC)(DT)(DG)(DC)
;
D
#
# COMPACT_ATOMS: atom_id res chain seq x y z
N THR A 1 21.91 5.09 -8.21
CA THR A 1 21.35 4.61 -6.95
C THR A 1 20.03 5.33 -6.63
N LEU A 2 19.65 5.29 -5.36
CA LEU A 2 18.30 5.65 -4.93
C LEU A 2 18.24 6.98 -4.19
N GLN A 3 17.26 7.80 -4.56
CA GLN A 3 17.09 9.12 -3.94
C GLN A 3 16.15 9.06 -2.75
N PRO A 4 16.29 10.00 -1.81
CA PRO A 4 15.49 10.00 -0.59
C PRO A 4 14.01 9.75 -0.85
N THR A 5 13.37 10.58 -1.67
CA THR A 5 11.92 10.52 -1.88
C THR A 5 11.49 9.38 -2.78
N GLU A 6 12.46 8.73 -3.43
CA GLU A 6 12.17 7.47 -4.11
C GLU A 6 12.26 6.30 -3.13
N ALA A 7 13.22 6.36 -2.21
CA ALA A 7 13.30 5.39 -1.12
C ALA A 7 12.08 5.54 -0.24
N ALA A 8 11.68 6.78 0.04
CA ALA A 8 10.53 7.04 0.89
C ALA A 8 9.25 6.49 0.28
N TYR A 9 9.14 6.65 -1.03
CA TYR A 9 7.97 6.21 -1.75
C TYR A 9 7.90 4.69 -1.69
N ILE A 10 8.99 4.06 -2.07
CA ILE A 10 9.06 2.60 -2.10
C ILE A 10 8.72 2.05 -0.74
N ALA A 11 9.26 2.67 0.30
CA ALA A 11 8.97 2.28 1.67
C ALA A 11 7.48 2.47 1.97
N GLY A 12 6.93 3.60 1.54
CA GLY A 12 5.52 3.89 1.73
C GLY A 12 4.67 2.85 1.06
N PHE A 13 5.02 2.56 -0.19
CA PHE A 13 4.34 1.55 -0.98
C PHE A 13 4.55 0.13 -0.46
N LEU A 14 5.75 -0.18 0.02
CA LEU A 14 6.02 -1.50 0.59
C LEU A 14 5.14 -1.72 1.82
N ASP A 15 5.06 -0.71 2.68
CA ASP A 15 4.19 -0.75 3.85
C ASP A 15 2.75 -1.01 3.42
N GLY A 16 2.44 -0.64 2.18
CA GLY A 16 1.11 -0.86 1.66
C GLY A 16 0.97 -2.21 1.01
N ASP A 17 1.38 -2.30 -0.25
CA ASP A 17 1.16 -3.51 -1.04
C ASP A 17 2.30 -4.51 -1.02
N GLY A 18 3.21 -4.39 -0.04
CA GLY A 18 4.37 -5.25 0.00
C GLY A 18 4.40 -6.14 1.22
N SER A 19 5.46 -6.94 1.33
CA SER A 19 5.59 -7.92 2.42
C SER A 19 7.04 -8.27 2.73
N ILE A 20 7.39 -8.23 4.01
CA ILE A 20 8.72 -8.59 4.47
C ILE A 20 8.65 -9.85 5.35
N TYR A 21 9.20 -10.95 4.85
CA TYR A 21 9.11 -12.21 5.57
C TYR A 21 10.41 -12.98 5.66
N ALA A 22 10.45 -13.92 6.60
CA ALA A 22 11.48 -14.92 6.66
C ALA A 22 10.78 -16.28 6.69
N ARG A 23 11.41 -17.29 6.10
CA ARG A 23 10.87 -18.64 6.09
C ARG A 23 11.92 -19.63 6.53
N LEU A 24 11.47 -20.75 7.08
CA LEU A 24 12.34 -21.91 7.30
C LEU A 24 11.93 -23.03 6.36
N GLU A 25 12.64 -23.16 5.24
CA GLU A 25 12.32 -24.15 4.23
C GLU A 25 13.05 -25.48 4.43
N PRO A 26 12.29 -26.60 4.48
CA PRO A 26 12.92 -27.91 4.65
C PRO A 26 13.84 -28.27 3.48
N ARG A 27 14.90 -29.01 3.79
CA ARG A 27 15.83 -29.49 2.77
C ARG A 27 16.10 -30.97 2.98
N PRO A 28 15.74 -31.82 2.00
CA PRO A 28 16.08 -33.23 2.15
C PRO A 28 17.56 -33.46 1.83
N ASP A 29 18.10 -32.64 0.95
CA ASP A 29 19.44 -32.82 0.41
C ASP A 29 20.55 -32.22 1.28
N TYR A 30 20.18 -31.48 2.32
CA TYR A 30 21.15 -30.77 3.14
C TYR A 30 22.02 -31.66 4.02
N LYS A 31 22.98 -31.05 4.69
CA LYS A 31 23.93 -31.76 5.55
C LYS A 31 23.34 -32.05 6.93
N ASP A 32 23.95 -31.49 7.97
CA ASP A 32 23.48 -31.70 9.34
C ASP A 32 22.09 -31.14 9.48
N ILE A 33 21.99 -29.84 9.25
CA ILE A 33 20.75 -29.09 9.39
C ILE A 33 20.00 -29.03 8.07
N LYS A 34 18.91 -29.79 7.99
CA LYS A 34 18.17 -29.95 6.74
C LYS A 34 17.15 -28.82 6.49
N TYR A 35 17.60 -27.58 6.70
CA TYR A 35 16.72 -26.42 6.56
C TYR A 35 17.49 -25.18 6.13
N GLN A 36 17.07 -24.55 5.04
CA GLN A 36 17.62 -23.24 4.69
C GLN A 36 16.68 -22.12 5.09
N VAL A 37 17.21 -21.14 5.84
CA VAL A 37 16.45 -19.94 6.15
C VAL A 37 16.36 -19.08 4.91
N ARG A 38 15.15 -18.66 4.57
CA ARG A 38 14.93 -17.88 3.35
C ARG A 38 14.43 -16.47 3.69
N LEU A 39 14.97 -15.46 3.02
CA LEU A 39 14.63 -14.08 3.35
C LEU A 39 14.20 -13.35 2.08
N ALA A 40 13.23 -12.43 2.21
CA ALA A 40 12.72 -11.66 1.06
C ALA A 40 11.86 -10.45 1.38
N ILE A 41 11.75 -9.56 0.40
CA ILE A 41 10.71 -8.54 0.41
C ILE A 41 9.94 -8.66 -0.89
N SER A 42 8.65 -8.36 -0.88
CA SER A 42 7.89 -8.44 -2.12
C SER A 42 6.85 -7.34 -2.27
N PHE A 43 6.46 -7.09 -3.52
CA PHE A 43 5.41 -6.14 -3.85
C PHE A 43 4.38 -6.88 -4.68
N ILE A 44 3.14 -6.90 -4.21
CA ILE A 44 2.04 -7.54 -4.93
C ILE A 44 1.12 -6.50 -5.56
N GLN A 45 0.48 -6.84 -6.67
CA GLN A 45 -0.37 -5.87 -7.37
C GLN A 45 -1.10 -6.51 -8.54
N ARG A 46 -2.19 -5.89 -8.98
CA ARG A 46 -2.96 -6.42 -10.09
C ARG A 46 -2.21 -6.18 -11.39
N LYS A 47 -2.09 -7.25 -12.18
CA LYS A 47 -1.13 -7.29 -13.29
C LYS A 47 -1.19 -6.09 -14.22
N ASP A 48 -2.34 -5.44 -14.30
CA ASP A 48 -2.51 -4.29 -15.18
C ASP A 48 -1.66 -3.10 -14.73
N LYS A 49 -1.31 -3.07 -13.45
CA LYS A 49 -0.45 -2.01 -12.94
C LYS A 49 1.01 -2.49 -12.89
N PHE A 50 1.29 -3.59 -13.58
CA PHE A 50 2.63 -4.18 -13.58
C PHE A 50 3.75 -3.20 -13.91
N PRO A 51 3.55 -2.36 -14.93
CA PRO A 51 4.63 -1.41 -15.27
C PRO A 51 5.09 -0.63 -14.05
N TYR A 52 4.26 -0.63 -13.00
CA TYR A 52 4.58 0.08 -11.76
C TYR A 52 5.53 -0.71 -10.84
N LEU A 53 5.44 -2.04 -10.88
CA LEU A 53 6.42 -2.89 -10.21
C LEU A 53 7.71 -2.72 -10.97
N GLN A 54 7.61 -3.04 -12.26
CA GLN A 54 8.61 -2.68 -13.24
C GLN A 54 9.40 -1.49 -12.74
N ASP A 55 8.76 -0.33 -12.72
CA ASP A 55 9.39 0.90 -12.28
C ASP A 55 10.27 0.67 -11.07
N ILE A 56 9.64 0.11 -10.04
CA ILE A 56 10.28 -0.03 -8.74
C ILE A 56 11.53 -0.89 -8.85
N TYR A 57 11.36 -2.07 -9.41
CA TYR A 57 12.46 -2.97 -9.75
C TYR A 57 13.66 -2.18 -10.27
N ASP A 58 13.48 -1.48 -11.39
CA ASP A 58 14.54 -0.72 -12.02
C ASP A 58 15.14 0.31 -11.08
N GLN A 59 14.32 0.84 -10.18
CA GLN A 59 14.80 1.80 -9.18
C GLN A 59 15.62 1.07 -8.11
N LEU A 60 15.37 -0.23 -7.97
CA LEU A 60 16.13 -1.07 -7.05
C LEU A 60 17.10 -1.96 -7.83
N GLY A 61 17.93 -1.32 -8.65
CA GLY A 61 19.00 -1.98 -9.36
C GLY A 61 18.72 -3.32 -10.03
N LYS A 62 17.45 -3.59 -10.33
CA LYS A 62 17.10 -4.80 -11.08
C LYS A 62 17.39 -6.10 -10.34
N ARG A 63 17.47 -6.02 -9.02
CA ARG A 63 17.59 -7.20 -8.18
C ARG A 63 16.22 -7.84 -7.99
N GLY A 64 16.18 -9.13 -7.74
CA GLY A 64 14.90 -9.81 -7.55
C GLY A 64 14.23 -10.06 -8.90
N ILE A 65 13.09 -10.73 -8.87
CA ILE A 65 12.44 -11.17 -10.09
C ILE A 65 10.97 -10.78 -10.18
N LEU A 66 10.62 -10.14 -11.30
CA LEU A 66 9.25 -9.73 -11.59
C LEU A 66 8.42 -10.91 -12.11
N ARG A 67 7.11 -10.85 -11.93
CA ARG A 67 6.24 -11.97 -12.31
C ARG A 67 4.87 -11.50 -12.82
N LYS A 68 4.85 -10.90 -14.01
CA LYS A 68 3.63 -10.40 -14.65
C LYS A 68 2.34 -11.14 -14.30
N ASP A 69 2.42 -12.40 -13.89
CA ASP A 69 1.25 -13.11 -13.44
C ASP A 69 1.62 -14.33 -12.60
N ARG A 70 1.08 -14.37 -11.39
CA ARG A 70 1.31 -15.49 -10.47
C ARG A 70 0.36 -16.63 -10.79
N GLY A 71 -0.26 -16.55 -11.96
CA GLY A 71 -1.26 -17.53 -12.37
C GLY A 71 -2.69 -17.11 -12.06
N ASP A 72 -2.84 -16.07 -11.24
CA ASP A 72 -4.18 -15.57 -10.88
C ASP A 72 -4.38 -14.08 -11.20
N GLY A 73 -3.77 -13.62 -12.29
CA GLY A 73 -3.92 -12.24 -12.73
C GLY A 73 -3.14 -11.25 -11.88
N ILE A 74 -2.82 -11.68 -10.67
CA ILE A 74 -2.05 -10.87 -9.73
C ILE A 74 -0.56 -10.94 -10.03
N ALA A 75 0.05 -9.80 -10.32
CA ALA A 75 1.49 -9.73 -10.61
C ALA A 75 2.27 -9.53 -9.31
N ASP A 76 3.59 -9.66 -9.38
CA ASP A 76 4.44 -9.40 -8.22
C ASP A 76 5.93 -9.19 -8.54
N TYR A 77 6.73 -9.00 -7.49
CA TYR A 77 8.16 -8.68 -7.59
C TYR A 77 8.84 -9.09 -6.29
N ARG A 78 9.57 -10.20 -6.33
CA ARG A 78 10.15 -10.79 -5.14
C ARG A 78 11.68 -10.69 -5.12
N ILE A 79 12.22 -10.27 -3.97
CA ILE A 79 13.66 -10.11 -3.84
C ILE A 79 14.25 -11.02 -2.78
N TYR A 80 14.82 -12.12 -3.24
CA TYR A 80 15.39 -13.10 -2.31
C TYR A 80 16.87 -12.78 -2.08
N GLY A 81 17.40 -13.24 -0.94
CA GLY A 81 18.84 -13.27 -0.71
C GLY A 81 19.38 -12.15 0.18
N SER A 82 20.31 -12.51 1.07
CA SER A 82 20.94 -11.52 1.95
C SER A 82 21.75 -10.52 1.13
N THR A 83 22.16 -10.95 -0.05
CA THR A 83 22.92 -10.09 -0.94
C THR A 83 22.13 -8.85 -1.34
N HIS A 84 21.04 -9.07 -2.07
CA HIS A 84 20.15 -7.98 -2.49
C HIS A 84 19.68 -7.19 -1.28
N LEU A 85 19.25 -7.93 -0.27
CA LEU A 85 18.61 -7.32 0.91
C LEU A 85 19.53 -6.43 1.73
N SER A 86 20.80 -6.80 1.88
CA SER A 86 21.70 -5.99 2.70
C SER A 86 22.09 -4.70 1.99
N ILE A 87 21.80 -4.64 0.69
CA ILE A 87 21.99 -3.40 -0.06
C ILE A 87 20.72 -2.56 -0.01
N ILE A 88 19.58 -3.22 -0.18
CA ILE A 88 18.29 -2.55 -0.29
C ILE A 88 17.74 -2.06 1.03
N LEU A 89 17.62 -2.94 2.01
CA LEU A 89 16.98 -2.56 3.27
C LEU A 89 17.50 -1.27 3.90
N PRO A 90 18.83 -1.11 4.00
CA PRO A 90 19.29 0.10 4.67
C PRO A 90 18.74 1.39 4.01
N ASP A 91 18.57 1.38 2.68
CA ASP A 91 18.02 2.53 1.98
C ASP A 91 16.55 2.77 2.33
N LEU A 92 15.84 1.69 2.68
CA LEU A 92 14.41 1.75 2.94
C LEU A 92 14.05 1.86 4.42
N VAL A 93 14.88 1.31 5.29
CA VAL A 93 14.61 1.28 6.73
C VAL A 93 14.25 2.64 7.33
N PRO A 94 15.01 3.69 6.95
CA PRO A 94 14.74 4.99 7.56
C PRO A 94 13.34 5.54 7.21
N TYR A 95 12.72 5.01 6.15
CA TYR A 95 11.39 5.46 5.71
C TYR A 95 10.26 4.48 6.01
N LEU A 96 10.60 3.27 6.46
CA LEU A 96 9.59 2.28 6.78
C LEU A 96 8.91 2.58 8.11
N ARG A 97 7.61 2.35 8.18
CA ARG A 97 6.88 2.56 9.40
C ARG A 97 6.26 1.25 9.89
N ILE A 98 5.30 0.72 9.13
CA ILE A 98 4.57 -0.48 9.54
C ILE A 98 5.45 -1.74 9.57
N LYS A 99 6.29 -1.91 8.57
CA LYS A 99 7.11 -3.12 8.43
C LYS A 99 8.57 -2.86 8.77
N LYS A 100 8.83 -1.75 9.46
CA LYS A 100 10.18 -1.34 9.79
C LYS A 100 10.90 -2.42 10.61
N LYS A 101 10.26 -2.87 11.69
CA LYS A 101 10.80 -3.94 12.52
C LYS A 101 11.28 -5.09 11.65
N GLN A 102 10.34 -5.70 10.94
CA GLN A 102 10.62 -6.83 10.07
C GLN A 102 11.91 -6.62 9.30
N ALA A 103 12.12 -5.40 8.84
CA ALA A 103 13.28 -5.09 8.02
C ALA A 103 14.57 -5.15 8.84
N ASN A 104 14.45 -4.85 10.13
CA ASN A 104 15.61 -4.89 11.00
C ASN A 104 15.92 -6.29 11.52
N ARG A 105 14.90 -7.07 11.83
CA ARG A 105 15.06 -8.48 12.13
C ARG A 105 15.79 -9.17 10.96
N ILE A 106 15.32 -8.93 9.74
CA ILE A 106 15.97 -9.49 8.56
C ILE A 106 17.45 -9.12 8.54
N LEU A 107 17.75 -7.83 8.66
CA LEU A 107 19.13 -7.35 8.71
C LEU A 107 19.86 -8.07 9.84
N HIS A 108 19.14 -8.30 10.93
CA HIS A 108 19.72 -8.92 12.10
C HIS A 108 20.09 -10.37 11.80
N ILE A 109 19.14 -11.11 11.26
CA ILE A 109 19.41 -12.45 10.78
C ILE A 109 20.65 -12.42 9.88
N ILE A 110 20.71 -11.42 9.02
CA ILE A 110 21.80 -11.35 8.06
C ILE A 110 23.18 -11.26 8.73
N ASN A 111 23.26 -10.58 9.87
CA ASN A 111 24.50 -10.49 10.64
C ASN A 111 24.93 -11.83 11.23
N LEU A 112 23.96 -12.61 11.71
CA LEU A 112 24.23 -13.84 12.43
C LEU A 112 24.22 -15.10 11.56
N TYR A 113 23.91 -14.96 10.28
CA TYR A 113 23.76 -16.14 9.43
C TYR A 113 25.03 -16.95 9.21
N PRO A 114 26.17 -16.27 8.98
CA PRO A 114 27.44 -16.96 8.72
C PRO A 114 27.96 -17.79 9.89
N GLN A 115 27.73 -17.34 11.12
CA GLN A 115 28.18 -18.12 12.29
C GLN A 115 27.20 -19.22 12.66
N ALA A 116 25.92 -19.02 12.33
CA ALA A 116 24.89 -19.98 12.67
C ALA A 116 24.82 -21.14 11.67
N GLN A 117 25.41 -20.94 10.50
CA GLN A 117 25.37 -21.91 9.41
C GLN A 117 25.64 -23.33 9.90
N LYS A 118 26.88 -23.60 10.30
CA LYS A 118 27.23 -24.91 10.81
C LYS A 118 27.36 -24.88 12.33
N ASN A 119 26.27 -24.56 13.00
CA ASN A 119 26.28 -24.51 14.44
C ASN A 119 24.85 -24.57 14.98
N PRO A 120 24.35 -25.80 15.16
CA PRO A 120 22.98 -26.09 15.59
C PRO A 120 22.43 -25.23 16.73
N SER A 121 23.26 -24.91 17.73
CA SER A 121 22.80 -24.07 18.84
C SER A 121 22.50 -22.66 18.35
N LYS A 122 23.41 -22.12 17.53
CA LYS A 122 23.24 -20.78 16.98
C LYS A 122 22.18 -20.73 15.89
N PHE A 123 22.09 -21.78 15.09
CA PHE A 123 21.05 -21.86 14.08
C PHE A 123 19.67 -21.78 14.72
N LEU A 124 19.59 -22.14 16.00
CA LEU A 124 18.32 -22.06 16.70
C LEU A 124 17.96 -20.62 17.08
N ASP A 125 18.92 -19.87 17.61
CA ASP A 125 18.73 -18.45 17.88
C ASP A 125 18.20 -17.78 16.63
N LEU A 126 18.89 -18.04 15.53
CA LEU A 126 18.53 -17.49 14.24
C LEU A 126 17.10 -17.85 13.85
N VAL A 127 16.71 -19.07 14.16
CA VAL A 127 15.36 -19.56 13.81
C VAL A 127 14.29 -18.97 14.72
N LYS A 128 14.72 -18.37 15.82
CA LYS A 128 13.80 -17.70 16.72
C LYS A 128 13.37 -16.36 16.12
N ILE A 129 14.34 -15.59 15.65
CA ILE A 129 14.07 -14.35 14.95
C ILE A 129 13.17 -14.64 13.76
N VAL A 130 13.42 -15.75 13.08
CA VAL A 130 12.55 -16.21 12.00
C VAL A 130 11.11 -16.37 12.48
N ASP A 131 10.93 -16.84 13.72
CA ASP A 131 9.62 -16.95 14.35
C ASP A 131 9.05 -15.56 14.63
N ASP A 132 9.85 -14.75 15.31
CA ASP A 132 9.45 -13.41 15.72
C ASP A 132 8.97 -12.63 14.50
N VAL A 133 9.77 -12.65 13.44
CA VAL A 133 9.39 -12.07 12.17
C VAL A 133 8.01 -12.47 11.66
N GLN A 134 7.77 -13.77 11.45
CA GLN A 134 6.48 -14.22 10.94
C GLN A 134 5.36 -13.89 11.91
N ASN A 135 5.73 -13.70 13.18
CA ASN A 135 4.77 -13.27 14.19
C ASN A 135 4.35 -11.81 13.95
N LEU A 136 5.35 -10.95 13.75
CA LEU A 136 5.10 -9.58 13.34
C LEU A 136 4.07 -9.50 12.21
N ASN A 137 4.14 -10.45 11.28
CA ASN A 137 3.20 -10.51 10.15
C ASN A 137 1.89 -11.23 10.48
N LYS A 138 1.44 -11.10 11.73
CA LYS A 138 0.23 -11.81 12.13
C LYS A 138 -0.76 -10.95 12.91
N ARG A 139 -1.96 -11.47 13.06
CA ARG A 139 -2.91 -10.96 14.03
C ARG A 139 -2.48 -11.48 15.39
N ALA A 140 -2.51 -10.61 16.40
CA ALA A 140 -2.16 -11.02 17.77
C ALA A 140 -3.01 -12.19 18.28
N ASP A 141 -4.03 -12.55 17.51
CA ASP A 141 -4.96 -13.61 17.87
C ASP A 141 -4.75 -14.88 17.04
N GLU A 142 -3.78 -14.84 16.13
CA GLU A 142 -3.48 -16.01 15.30
C GLU A 142 -2.47 -16.90 16.03
N LEU A 143 -2.31 -18.14 15.59
CA LEU A 143 -1.36 -19.06 16.21
C LEU A 143 0.07 -18.60 16.01
N LYS A 144 0.78 -18.37 17.11
CA LYS A 144 2.14 -17.83 17.03
C LYS A 144 3.18 -18.85 16.55
N SER A 145 3.75 -18.59 15.37
CA SER A 145 4.74 -19.50 14.76
C SER A 145 5.60 -20.26 15.76
N THR A 146 6.06 -21.44 15.37
CA THR A 146 6.80 -22.28 16.30
C THR A 146 7.89 -23.13 15.64
N ASN A 147 8.70 -22.48 14.80
CA ASN A 147 9.83 -23.14 14.17
C ASN A 147 10.94 -23.39 15.18
N TYR A 148 11.07 -22.52 16.17
CA TYR A 148 12.12 -22.66 17.17
C TYR A 148 11.90 -23.91 18.00
N ASP A 149 10.64 -24.15 18.34
CA ASP A 149 10.29 -25.24 19.23
C ASP A 149 10.22 -26.59 18.52
N ARG A 150 9.92 -26.59 17.22
CA ARG A 150 9.87 -27.84 16.47
C ARG A 150 11.22 -28.23 15.86
N LEU A 151 12.10 -27.25 15.69
CA LEU A 151 13.47 -27.53 15.26
C LEU A 151 14.35 -28.01 16.42
N LEU A 152 14.22 -27.37 17.58
CA LEU A 152 14.95 -27.84 18.77
C LEU A 152 14.60 -29.30 19.04
N GLU A 153 13.34 -29.53 19.38
CA GLU A 153 12.79 -30.88 19.53
C GLU A 153 13.50 -31.87 18.62
N GLU A 154 13.61 -31.52 17.34
CA GLU A 154 14.18 -32.40 16.32
C GLU A 154 15.70 -32.51 16.43
N PHE A 155 16.33 -31.43 16.88
CA PHE A 155 17.77 -31.38 17.07
C PHE A 155 18.19 -32.24 18.27
N LEU A 156 17.32 -32.35 19.26
CA LEU A 156 17.58 -33.22 20.41
C LEU A 156 17.34 -34.68 20.01
N LYS A 157 16.21 -34.90 19.35
CA LYS A 157 15.82 -36.22 18.85
C LYS A 157 16.91 -36.79 17.93
N ALA A 158 17.78 -35.92 17.43
CA ALA A 158 18.82 -36.36 16.51
C ALA A 158 20.19 -36.20 17.14
N GLY A 159 20.22 -36.00 18.45
CA GLY A 159 21.46 -35.82 19.18
C GLY A 159 22.39 -34.75 18.61
N LYS A 160 21.85 -33.58 18.34
CA LYS A 160 22.66 -32.43 17.95
C LYS A 160 22.73 -31.44 19.11
N ILE A 161 22.22 -31.88 20.26
CA ILE A 161 22.34 -31.16 21.53
C ILE A 161 21.50 -31.85 22.61
N THR B 1 4.49 22.00 8.33
CA THR B 1 4.04 21.44 7.06
C THR B 1 4.79 20.13 6.73
N LEU B 2 4.77 19.76 5.46
CA LEU B 2 5.16 18.43 5.02
C LEU B 2 6.50 18.40 4.29
N GLN B 3 7.35 17.44 4.66
CA GLN B 3 8.67 17.30 4.06
C GLN B 3 8.64 16.35 2.86
N PRO B 4 9.58 16.53 1.92
CA PRO B 4 9.60 15.74 0.69
C PRO B 4 9.40 14.26 0.93
N THR B 5 10.24 13.64 1.76
CA THR B 5 10.21 12.19 1.98
C THR B 5 9.08 11.71 2.87
N GLU B 6 8.39 12.66 3.52
CA GLU B 6 7.15 12.33 4.19
C GLU B 6 5.98 12.40 3.20
N ALA B 7 6.02 13.38 2.30
CA ALA B 7 5.06 13.43 1.20
C ALA B 7 5.23 12.21 0.31
N ALA B 8 6.49 11.85 0.05
CA ALA B 8 6.78 10.71 -0.83
C ALA B 8 6.25 9.42 -0.22
N TYR B 9 6.44 9.30 1.09
CA TYR B 9 6.00 8.11 1.80
C TYR B 9 4.49 8.01 1.73
N ILE B 10 3.82 9.09 2.11
CA ILE B 10 2.36 9.12 2.15
C ILE B 10 1.81 8.77 0.78
N ALA B 11 2.42 9.34 -0.27
CA ALA B 11 2.05 9.04 -1.63
C ALA B 11 2.28 7.56 -1.94
N GLY B 12 3.42 7.04 -1.48
CA GLY B 12 3.77 5.64 -1.69
C GLY B 12 2.74 4.75 -1.03
N PHE B 13 2.43 5.09 0.22
CA PHE B 13 1.44 4.38 1.00
C PHE B 13 0.01 4.56 0.47
N LEU B 14 -0.32 5.75 -0.01
CA LEU B 14 -1.65 5.99 -0.57
C LEU B 14 -1.83 5.11 -1.81
N ASP B 15 -0.82 5.07 -2.67
CA ASP B 15 -0.84 4.19 -3.84
C ASP B 15 -1.04 2.74 -3.43
N GLY B 16 -0.68 2.42 -2.19
CA GLY B 16 -0.88 1.08 -1.68
C GLY B 16 -2.24 0.91 -1.03
N ASP B 17 -2.35 1.34 0.23
CA ASP B 17 -3.55 1.07 1.02
C ASP B 17 -4.57 2.19 1.00
N GLY B 18 -4.47 3.09 0.04
CA GLY B 18 -5.36 4.23 -0.02
C GLY B 18 -6.24 4.25 -1.25
N SER B 19 -7.08 5.28 -1.35
CA SER B 19 -8.04 5.39 -2.44
C SER B 19 -8.43 6.85 -2.75
N ILE B 20 -8.40 7.20 -4.03
CA ILE B 20 -8.80 8.54 -4.48
C ILE B 20 -10.03 8.43 -5.37
N TYR B 21 -11.16 8.94 -4.87
CA TYR B 21 -12.42 8.82 -5.61
C TYR B 21 -13.22 10.10 -5.67
N ALA B 22 -14.14 10.13 -6.63
CA ALA B 22 -15.18 11.14 -6.67
C ALA B 22 -16.51 10.40 -6.70
N ARG B 23 -17.54 11.01 -6.12
CA ARG B 23 -18.89 10.43 -6.13
C ARG B 23 -19.91 11.47 -6.56
N LEU B 24 -21.01 10.98 -7.10
CA LEU B 24 -22.19 11.81 -7.33
C LEU B 24 -23.30 11.37 -6.40
N GLU B 25 -23.46 12.07 -5.28
CA GLU B 25 -24.45 11.71 -4.28
C GLU B 25 -25.79 12.40 -4.49
N PRO B 26 -26.88 11.62 -4.54
CA PRO B 26 -28.21 12.22 -4.71
C PRO B 26 -28.60 13.12 -3.54
N ARG B 27 -29.36 14.16 -3.84
CA ARG B 27 -29.87 15.07 -2.82
C ARG B 27 -31.37 15.30 -3.04
N PRO B 28 -32.20 14.92 -2.07
CA PRO B 28 -33.63 15.23 -2.23
C PRO B 28 -33.90 16.69 -1.89
N ASP B 29 -33.10 17.25 -0.99
CA ASP B 29 -33.31 18.59 -0.45
C ASP B 29 -32.73 19.72 -1.32
N TYR B 30 -31.98 19.36 -2.35
CA TYR B 30 -31.29 20.37 -3.16
C TYR B 30 -32.21 21.21 -4.04
N LYS B 31 -31.61 22.19 -4.72
CA LYS B 31 -32.33 23.12 -5.57
C LYS B 31 -32.61 22.54 -6.96
N ASP B 32 -32.07 23.16 -7.99
CA ASP B 32 -32.26 22.70 -9.36
C ASP B 32 -31.65 21.32 -9.50
N ILE B 33 -30.34 21.26 -9.26
CA ILE B 33 -29.57 20.05 -9.42
C ILE B 33 -29.50 19.28 -8.10
N LYS B 34 -30.22 18.16 -8.04
CA LYS B 34 -30.37 17.42 -6.79
C LYS B 34 -29.22 16.44 -6.54
N TYR B 35 -28.00 16.91 -6.73
CA TYR B 35 -26.81 16.07 -6.59
C TYR B 35 -25.60 16.87 -6.15
N GLN B 36 -24.96 16.46 -5.06
CA GLN B 36 -23.67 17.04 -4.71
C GLN B 36 -22.52 16.13 -5.12
N VAL B 37 -21.56 16.70 -5.84
CA VAL B 37 -20.33 15.96 -6.16
C VAL B 37 -19.47 15.88 -4.91
N ARG B 38 -19.02 14.67 -4.57
CA ARG B 38 -18.25 14.49 -3.35
C ARG B 38 -16.83 14.02 -3.69
N LEU B 39 -15.83 14.58 -3.01
CA LEU B 39 -14.44 14.27 -3.34
C LEU B 39 -13.69 13.85 -2.08
N ALA B 40 -12.75 12.91 -2.21
CA ALA B 40 -11.98 12.42 -1.05
C ALA B 40 -10.74 11.59 -1.37
N ILE B 41 -9.86 11.50 -0.39
CA ILE B 41 -8.81 10.50 -0.41
C ILE B 41 -8.91 9.72 0.90
N SER B 42 -8.57 8.43 0.88
CA SER B 42 -8.63 7.66 2.12
C SER B 42 -7.49 6.65 2.26
N PHE B 43 -7.26 6.26 3.51
CA PHE B 43 -6.28 5.23 3.84
C PHE B 43 -7.00 4.18 4.65
N ILE B 44 -7.00 2.94 4.18
CA ILE B 44 -7.61 1.81 4.89
C ILE B 44 -6.53 0.93 5.52
N GLN B 45 -6.86 0.26 6.63
CA GLN B 45 -5.87 -0.55 7.33
C GLN B 45 -6.49 -1.31 8.50
N ARG B 46 -5.85 -2.38 8.93
CA ARG B 46 -6.37 -3.18 10.03
C ARG B 46 -6.15 -2.42 11.34
N LYS B 47 -7.22 -2.34 12.13
CA LYS B 47 -7.30 -1.39 13.24
C LYS B 47 -6.10 -1.42 14.18
N ASP B 48 -5.43 -2.55 14.26
CA ASP B 48 -4.27 -2.69 15.14
C ASP B 48 -3.11 -1.81 14.70
N LYS B 49 -3.08 -1.45 13.43
CA LYS B 49 -2.05 -0.56 12.91
C LYS B 49 -2.56 0.87 12.87
N PHE B 50 -3.66 1.13 13.55
CA PHE B 50 -4.30 2.46 13.57
C PHE B 50 -3.34 3.59 13.91
N PRO B 51 -2.49 3.41 14.93
CA PRO B 51 -1.58 4.51 15.27
C PRO B 51 -0.81 5.00 14.05
N TYR B 52 -0.77 4.18 12.99
CA TYR B 52 -0.08 4.53 11.76
C TYR B 52 -0.89 5.46 10.85
N LEU B 53 -2.22 5.33 10.89
CA LEU B 53 -3.09 6.29 10.21
C LEU B 53 -2.95 7.58 10.98
N GLN B 54 -3.28 7.47 12.26
CA GLN B 54 -2.96 8.48 13.25
C GLN B 54 -1.78 9.31 12.76
N ASP B 55 -0.60 8.70 12.77
CA ASP B 55 0.63 9.36 12.32
C ASP B 55 0.37 10.24 11.11
N ILE B 56 -0.17 9.60 10.07
CA ILE B 56 -0.33 10.23 8.77
C ILE B 56 -1.22 11.46 8.89
N TYR B 57 -2.40 11.26 9.45
CA TYR B 57 -3.33 12.33 9.78
C TYR B 57 -2.57 13.55 10.32
N ASP B 58 -1.86 13.36 11.42
CA ASP B 58 -1.13 14.45 12.08
C ASP B 58 -0.12 15.09 11.14
N GLN B 59 0.44 14.29 10.23
CA GLN B 59 1.39 14.79 9.25
C GLN B 59 0.66 15.60 8.18
N LEU B 60 -0.63 15.31 8.01
CA LEU B 60 -1.51 16.06 7.11
C LEU B 60 -2.41 17.00 7.91
N GLY B 61 -1.79 17.85 8.72
CA GLY B 61 -2.50 18.90 9.45
C GLY B 61 -3.83 18.58 10.09
N LYS B 62 -4.08 17.31 10.38
CA LYS B 62 -5.27 16.93 11.14
C LYS B 62 -6.59 17.17 10.38
N ARG B 63 -6.49 17.26 9.07
CA ARG B 63 -7.67 17.35 8.23
C ARG B 63 -8.27 15.96 8.03
N GLY B 64 -9.56 15.89 7.77
CA GLY B 64 -10.21 14.61 7.58
C GLY B 64 -10.45 13.93 8.91
N ILE B 65 -11.08 12.76 8.88
CA ILE B 65 -11.52 12.10 10.10
C ILE B 65 -11.09 10.63 10.18
N LEU B 66 -10.43 10.30 11.29
CA LEU B 66 -10.00 8.93 11.58
C LEU B 66 -11.16 8.08 12.10
N ARG B 67 -11.06 6.76 11.92
CA ARG B 67 -12.17 5.86 12.28
C ARG B 67 -11.67 4.50 12.79
N LYS B 68 -11.07 4.50 13.97
CA LYS B 68 -10.55 3.29 14.61
C LYS B 68 -11.24 1.97 14.26
N ASP B 69 -12.50 2.04 13.84
CA ASP B 69 -13.18 0.84 13.38
C ASP B 69 -14.40 1.19 12.53
N ARG B 70 -14.43 0.66 11.31
CA ARG B 70 -15.55 0.86 10.40
C ARG B 70 -16.65 -0.13 10.71
N GLY B 71 -16.58 -0.75 11.89
CA GLY B 71 -17.53 -1.77 12.28
C GLY B 71 -17.07 -3.19 11.97
N ASP B 72 -16.03 -3.32 11.14
CA ASP B 72 -15.49 -4.63 10.78
C ASP B 72 -14.00 -4.81 11.10
N GLY B 73 -13.56 -4.19 12.20
CA GLY B 73 -12.17 -4.31 12.63
C GLY B 73 -11.20 -3.50 11.80
N ILE B 74 -11.63 -3.18 10.58
CA ILE B 74 -10.84 -2.37 9.66
C ILE B 74 -10.96 -0.89 9.96
N ALA B 75 -9.84 -0.25 10.27
CA ALA B 75 -9.81 1.19 10.56
C ALA B 75 -9.62 1.97 9.27
N ASP B 76 -9.78 3.29 9.35
CA ASP B 76 -9.54 4.16 8.19
C ASP B 76 -9.37 5.66 8.52
N TYR B 77 -9.21 6.47 7.48
CA TYR B 77 -8.91 7.89 7.59
C TYR B 77 -9.32 8.58 6.29
N ARG B 78 -10.45 9.28 6.34
CA ARG B 78 -11.07 9.85 5.14
C ARG B 78 -11.01 11.38 5.11
N ILE B 79 -10.59 11.94 3.98
CA ILE B 79 -10.46 13.39 3.86
C ILE B 79 -11.39 13.95 2.80
N TYR B 80 -12.52 14.48 3.25
CA TYR B 80 -13.48 15.05 2.33
C TYR B 80 -13.21 16.53 2.09
N GLY B 81 -13.70 17.04 0.96
CA GLY B 81 -13.73 18.48 0.72
C GLY B 81 -12.64 19.05 -0.15
N SER B 82 -13.01 19.97 -1.04
CA SER B 82 -12.05 20.64 -1.91
C SER B 82 -11.06 21.46 -1.07
N THR B 83 -11.50 21.84 0.12
CA THR B 83 -10.67 22.64 1.00
C THR B 83 -9.42 21.88 1.41
N HIS B 84 -9.61 20.79 2.13
CA HIS B 84 -8.51 19.92 2.55
C HIS B 84 -7.71 19.48 1.34
N LEU B 85 -8.42 19.03 0.31
CA LEU B 85 -7.80 18.41 -0.85
C LEU B 85 -6.92 19.37 -1.67
N SER B 86 -7.33 20.62 -1.83
CA SER B 86 -6.53 21.55 -2.63
C SER B 86 -5.26 21.96 -1.91
N ILE B 87 -5.19 21.68 -0.61
CA ILE B 87 -3.96 21.90 0.15
C ILE B 87 -3.09 20.64 0.09
N ILE B 88 -3.72 19.48 0.24
CA ILE B 88 -3.02 18.21 0.36
C ILE B 88 -2.51 17.69 -0.97
N LEU B 89 -3.38 17.55 -1.95
CA LEU B 89 -2.98 16.93 -3.20
C LEU B 89 -1.71 17.48 -3.83
N PRO B 90 -1.57 18.82 -3.93
CA PRO B 90 -0.36 19.32 -4.58
C PRO B 90 0.93 18.79 -3.92
N ASP B 91 0.91 18.61 -2.59
CA ASP B 91 2.08 18.09 -1.89
C ASP B 91 2.37 16.63 -2.25
N LEU B 92 1.32 15.89 -2.61
CA LEU B 92 1.42 14.47 -2.87
C LEU B 92 1.53 14.11 -4.36
N VAL B 93 0.95 14.93 -5.22
CA VAL B 93 0.92 14.67 -6.66
C VAL B 93 2.29 14.36 -7.26
N PRO B 94 3.33 15.13 -6.89
CA PRO B 94 4.65 14.91 -7.49
C PRO B 94 5.23 13.53 -7.13
N TYR B 95 4.69 12.89 -6.09
CA TYR B 95 5.18 11.58 -5.65
C TYR B 95 4.23 10.42 -5.95
N LEU B 96 3.03 10.73 -6.42
CA LEU B 96 2.06 9.69 -6.74
C LEU B 96 2.37 9.03 -8.06
N ARG B 97 2.17 7.72 -8.13
CA ARG B 97 2.42 7.00 -9.36
C ARG B 97 1.12 6.36 -9.85
N ILE B 98 0.64 5.36 -9.13
CA ILE B 98 -0.55 4.61 -9.54
C ILE B 98 -1.85 5.45 -9.57
N LYS B 99 -2.04 6.27 -8.55
CA LYS B 99 -3.26 7.07 -8.43
C LYS B 99 -3.03 8.54 -8.76
N LYS B 100 -1.91 8.83 -9.41
CA LYS B 100 -1.54 10.20 -9.74
C LYS B 100 -2.64 10.89 -10.57
N LYS B 101 -3.09 10.24 -11.64
CA LYS B 101 -4.16 10.77 -12.49
C LYS B 101 -5.33 11.21 -11.63
N GLN B 102 -5.92 10.25 -10.94
CA GLN B 102 -7.06 10.49 -10.06
C GLN B 102 -6.87 11.79 -9.30
N ALA B 103 -5.66 12.02 -8.82
CA ALA B 103 -5.37 13.17 -8.00
C ALA B 103 -5.48 14.46 -8.80
N ASN B 104 -5.18 14.38 -10.08
CA ASN B 104 -5.24 15.55 -10.94
C ASN B 104 -6.65 15.82 -11.46
N ARG B 105 -7.40 14.76 -11.78
CA ARG B 105 -8.82 14.89 -12.09
C ARG B 105 -9.53 15.59 -10.93
N ILE B 106 -9.28 15.14 -9.71
CA ILE B 106 -9.86 15.77 -8.53
C ILE B 106 -9.52 17.26 -8.51
N LEU B 107 -8.23 17.58 -8.62
CA LEU B 107 -7.80 18.97 -8.66
C LEU B 107 -8.54 19.69 -9.78
N HIS B 108 -8.72 18.99 -10.89
CA HIS B 108 -9.37 19.55 -12.05
C HIS B 108 -10.83 19.88 -11.74
N ILE B 109 -11.55 18.90 -11.21
CA ILE B 109 -12.91 19.14 -10.74
C ILE B 109 -12.91 20.37 -9.85
N ILE B 110 -11.93 20.45 -8.96
CA ILE B 110 -11.88 21.54 -8.00
C ILE B 110 -11.82 22.92 -8.68
N ASN B 111 -11.13 23.02 -9.81
CA ASN B 111 -11.08 24.28 -10.57
C ASN B 111 -12.43 24.68 -11.16
N LEU B 112 -13.16 23.68 -11.67
CA LEU B 112 -14.41 23.93 -12.38
C LEU B 112 -15.67 23.87 -11.52
N TYR B 113 -15.53 23.57 -10.24
CA TYR B 113 -16.70 23.39 -9.38
C TYR B 113 -17.54 24.65 -9.17
N PRO B 114 -16.89 25.80 -8.92
CA PRO B 114 -17.62 27.05 -8.66
C PRO B 114 -18.46 27.54 -9.84
N GLN B 115 -18.00 27.34 -11.07
CA GLN B 115 -18.79 27.77 -12.23
C GLN B 115 -19.87 26.76 -12.60
N ALA B 116 -19.64 25.49 -12.29
CA ALA B 116 -20.56 24.43 -12.64
C ALA B 116 -21.72 24.31 -11.65
N GLN B 117 -21.53 24.91 -10.47
CA GLN B 117 -22.51 24.85 -9.39
C GLN B 117 -23.94 25.07 -9.88
N LYS B 118 -24.24 26.31 -10.27
CA LYS B 118 -25.56 26.64 -10.79
C LYS B 118 -25.52 26.78 -12.30
N ASN B 119 -25.17 25.70 -12.98
CA ASN B 119 -25.10 25.71 -14.43
C ASN B 119 -25.14 24.29 -14.97
N PRO B 120 -26.35 23.76 -15.16
CA PRO B 120 -26.61 22.38 -15.59
C PRO B 120 -25.73 21.87 -16.74
N SER B 121 -25.43 22.71 -17.72
CA SER B 121 -24.57 22.28 -18.82
C SER B 121 -23.16 22.01 -18.34
N LYS B 122 -22.64 22.92 -17.51
CA LYS B 122 -21.31 22.80 -16.95
C LYS B 122 -21.23 21.73 -15.87
N PHE B 123 -22.27 21.61 -15.07
CA PHE B 123 -22.33 20.56 -14.06
C PHE B 123 -22.21 19.19 -14.73
N LEU B 124 -22.57 19.10 -16.01
CA LEU B 124 -22.46 17.83 -16.72
C LEU B 124 -21.00 17.51 -17.09
N ASP B 125 -20.27 18.50 -17.61
CA ASP B 125 -18.86 18.34 -17.87
C ASP B 125 -18.18 17.83 -16.62
N LEU B 126 -18.45 18.51 -15.51
CA LEU B 126 -17.90 18.15 -14.23
C LEU B 126 -18.22 16.71 -13.85
N VAL B 127 -19.44 16.28 -14.16
CA VAL B 127 -19.90 14.93 -13.82
C VAL B 127 -19.27 13.88 -14.73
N LYS B 128 -18.69 14.33 -15.83
CA LYS B 128 -17.98 13.43 -16.74
C LYS B 128 -16.63 13.03 -16.12
N ILE B 129 -15.90 14.03 -15.64
CA ILE B 129 -14.65 13.78 -14.96
C ILE B 129 -14.91 12.87 -13.77
N VAL B 130 -16.05 13.08 -13.10
CA VAL B 130 -16.48 12.19 -12.03
C VAL B 130 -16.60 10.74 -12.51
N ASP B 131 -17.06 10.56 -13.74
CA ASP B 131 -17.13 9.25 -14.38
C ASP B 131 -15.73 8.72 -14.66
N ASP B 132 -14.93 9.55 -15.33
CA ASP B 132 -13.58 9.19 -15.74
C ASP B 132 -12.80 8.71 -14.52
N VAL B 133 -12.84 9.51 -13.45
CA VAL B 133 -12.25 9.15 -12.18
C VAL B 133 -12.62 7.75 -11.68
N GLN B 134 -13.91 7.48 -11.48
CA GLN B 134 -14.34 6.16 -10.99
C GLN B 134 -13.98 5.06 -11.97
N ASN B 135 -13.79 5.44 -13.22
CA ASN B 135 -13.32 4.51 -14.24
C ASN B 135 -11.86 4.13 -13.98
N LEU B 136 -11.02 5.13 -13.78
CA LEU B 136 -9.64 4.92 -13.37
C LEU B 136 -9.54 3.89 -12.25
N ASN B 137 -10.49 3.93 -11.31
CA ASN B 137 -10.53 2.97 -10.18
C ASN B 137 -11.21 1.65 -10.53
N LYS B 138 -11.08 1.22 -11.77
CA LYS B 138 -11.75 0.00 -12.19
C LYS B 138 -10.86 -0.97 -12.96
N ARG B 139 -11.37 -2.19 -13.13
CA ARG B 139 -10.83 -3.12 -14.10
C ARG B 139 -11.35 -2.68 -15.46
N ALA B 140 -10.48 -2.69 -16.47
CA ALA B 140 -10.89 -2.34 -17.84
C ALA B 140 -12.04 -3.22 -18.35
N ASP B 141 -12.37 -4.26 -17.59
CA ASP B 141 -13.40 -5.21 -17.96
C ASP B 141 -14.68 -5.03 -17.15
N GLU B 142 -14.67 -4.07 -16.23
CA GLU B 142 -15.84 -3.81 -15.39
C GLU B 142 -16.76 -2.82 -16.13
N LEU B 143 -18.02 -2.70 -15.69
CA LEU B 143 -18.95 -1.77 -16.31
C LEU B 143 -18.52 -0.31 -16.10
N LYS B 144 -18.30 0.40 -17.19
CA LYS B 144 -17.80 1.77 -17.11
C LYS B 144 -18.85 2.78 -16.63
N SER B 145 -18.62 3.35 -15.44
CA SER B 145 -19.54 4.31 -14.83
C SER B 145 -20.32 5.16 -15.83
N THR B 146 -21.51 5.59 -15.43
CA THR B 146 -22.39 6.31 -16.37
C THR B 146 -23.25 7.38 -15.71
N ASN B 147 -22.63 8.19 -14.86
CA ASN B 147 -23.32 9.30 -14.22
C ASN B 147 -23.60 10.41 -15.23
N TYR B 148 -22.73 10.57 -16.22
CA TYR B 148 -22.89 11.62 -17.21
C TYR B 148 -24.13 11.37 -18.05
N ASP B 149 -24.34 10.10 -18.39
CA ASP B 149 -25.42 9.73 -19.29
C ASP B 149 -26.76 9.63 -18.59
N ARG B 150 -26.76 9.31 -17.30
CA ARG B 150 -28.02 9.23 -16.55
C ARG B 150 -28.43 10.57 -15.95
N LEU B 151 -27.48 11.48 -15.76
CA LEU B 151 -27.79 12.83 -15.32
C LEU B 151 -28.30 13.70 -16.46
N LEU B 152 -27.66 13.60 -17.63
CA LEU B 152 -28.13 14.32 -18.81
C LEU B 152 -29.58 13.94 -19.10
N GLU B 153 -29.80 12.67 -19.46
CA GLU B 153 -31.12 12.09 -19.61
C GLU B 153 -32.14 12.77 -18.69
N GLU B 154 -31.79 12.89 -17.41
CA GLU B 154 -32.68 13.42 -16.39
C GLU B 154 -32.83 14.94 -16.49
N PHE B 155 -31.76 15.59 -16.94
CA PHE B 155 -31.76 17.03 -17.14
C PHE B 155 -32.63 17.45 -18.32
N LEU B 156 -32.69 16.59 -19.33
CA LEU B 156 -33.57 16.82 -20.46
C LEU B 156 -35.03 16.54 -20.07
N LYS B 157 -35.22 15.40 -19.41
CA LYS B 157 -36.53 14.98 -18.94
C LYS B 157 -37.13 16.04 -18.01
N ALA B 158 -36.30 16.94 -17.51
CA ALA B 158 -36.75 17.96 -16.58
C ALA B 158 -36.63 19.34 -17.21
N GLY B 159 -36.42 19.37 -18.51
CA GLY B 159 -36.27 20.63 -19.23
C GLY B 159 -35.25 21.59 -18.67
N LYS B 160 -34.04 21.08 -18.38
CA LYS B 160 -32.92 21.92 -17.98
C LYS B 160 -31.93 22.02 -19.13
N ILE B 161 -32.35 21.50 -20.29
CA ILE B 161 -31.63 21.65 -21.56
C ILE B 161 -32.30 20.80 -22.64
#